data_4APP
#
_entry.id   4APP
#
_cell.length_a   51.424
_cell.length_b   64.995
_cell.length_c   85.829
_cell.angle_alpha   90.00
_cell.angle_beta   90.00
_cell.angle_gamma   90.00
#
_symmetry.space_group_name_H-M   'P 21 21 21'
#
loop_
_entity.id
_entity.type
_entity.pdbx_description
1 polymer 'SERINE/THREONINE-PROTEIN KINASE PAK 4'
2 non-polymer N-[6,6-dimethyl-5-[(2S)-4-methyl-2-(phenylmethyl)piperazin-1-yl]carbonyl-2,4-dihydropyrrolo[3,4-c]pyrazol-3-yl]-3-phenoxy-benzamide
3 non-polymer GLYCEROL
4 water water
#
_entity_poly.entity_id   1
_entity_poly.type   'polypeptide(L)'
_entity_poly.pdbx_seq_one_letter_code
;GSHMSHEQFRAALQLVVDPGDPRSYLDNFIKIGEGSTGIVCIATVRSSGKLVAVKKMDLRKQQRRELLFNEVVIMRDYQH
ENVVEMYNSYLVGDELWVVMEFLEGGALTDIVTHTRMNEEQIAAVCLAVLQALSVLHAQGVIHRDIKSDSILLTHDGRVK
LSDFGFCAQVSKEVPRRK(SEP)LVGTPYWMAPELISRLPYGPEVDIWSLGIMVIEMVDGEPPYFNEPPLKAMKMIRDNL
PPRLKNLHKVSPSLKGFLDRLLVRDPAQRATAAELLKHPFLAKAGPPASIVPLMRQNRTR
;
_entity_poly.pdbx_strand_id   A
#
loop_
_chem_comp.id
_chem_comp.type
_chem_comp.name
_chem_comp.formula
GOL non-polymer GLYCEROL 'C3 H8 O3'
N53 non-polymer N-[6,6-dimethyl-5-[(2S)-4-methyl-2-(phenylmethyl)piperazin-1-yl]carbonyl-2,4-dihydropyrrolo[3,4-c]pyrazol-3-yl]-3-phenoxy-benzamide 'C33 H36 N6 O3'
#
# COMPACT_ATOMS: atom_id res chain seq x y z
N MET A 4 -16.98 -17.08 10.06
CA MET A 4 -16.78 -17.78 8.76
C MET A 4 -15.75 -18.91 8.93
N SER A 5 -16.20 -20.16 8.81
CA SER A 5 -15.33 -21.32 8.95
C SER A 5 -14.33 -21.40 7.82
N HIS A 6 -13.41 -22.37 7.91
CA HIS A 6 -12.39 -22.56 6.89
C HIS A 6 -13.02 -23.00 5.56
N GLU A 7 -13.97 -23.92 5.63
CA GLU A 7 -14.62 -24.40 4.42
C GLU A 7 -15.54 -23.35 3.80
N GLN A 8 -16.17 -22.52 4.63
CA GLN A 8 -17.03 -21.47 4.10
C GLN A 8 -16.13 -20.45 3.41
N PHE A 9 -14.92 -20.31 3.96
CA PHE A 9 -13.92 -19.38 3.44
C PHE A 9 -13.45 -19.87 2.07
N ARG A 10 -13.03 -21.12 2.00
CA ARG A 10 -12.57 -21.72 0.75
C ARG A 10 -13.68 -21.69 -0.30
N ALA A 11 -14.89 -22.02 0.13
CA ALA A 11 -16.04 -22.04 -0.77
C ALA A 11 -16.34 -20.64 -1.28
N ALA A 12 -16.38 -19.67 -0.37
CA ALA A 12 -16.65 -18.28 -0.75
C ALA A 12 -15.57 -17.84 -1.73
N LEU A 13 -14.34 -18.20 -1.41
CA LEU A 13 -13.19 -17.85 -2.23
C LEU A 13 -13.36 -18.48 -3.61
N GLN A 14 -13.73 -19.75 -3.64
CA GLN A 14 -13.92 -20.48 -4.89
C GLN A 14 -14.99 -19.80 -5.76
N LEU A 15 -15.92 -19.12 -5.10
CA LEU A 15 -17.01 -18.43 -5.79
C LEU A 15 -16.59 -17.14 -6.50
N VAL A 16 -15.56 -16.46 -6.00
CA VAL A 16 -15.13 -15.21 -6.62
C VAL A 16 -13.83 -15.27 -7.42
N VAL A 17 -13.11 -16.38 -7.33
CA VAL A 17 -11.86 -16.53 -8.06
C VAL A 17 -12.13 -17.14 -9.43
N ASP A 18 -11.13 -17.08 -10.31
CA ASP A 18 -11.29 -17.66 -11.64
C ASP A 18 -11.26 -19.17 -11.56
N PRO A 19 -12.10 -19.84 -12.35
CA PRO A 19 -12.14 -21.31 -12.34
C PRO A 19 -10.98 -21.85 -13.18
N GLY A 20 -10.52 -23.05 -12.85
CA GLY A 20 -9.43 -23.62 -13.60
C GLY A 20 -8.12 -23.54 -12.87
N ASP A 21 -7.09 -24.14 -13.44
CA ASP A 21 -5.76 -24.15 -12.82
C ASP A 21 -4.79 -23.29 -13.62
N PRO A 22 -4.12 -22.34 -12.95
CA PRO A 22 -3.17 -21.45 -13.63
C PRO A 22 -1.98 -22.20 -14.23
N ARG A 23 -1.80 -23.45 -13.81
CA ARG A 23 -0.70 -24.27 -14.33
C ARG A 23 -0.98 -24.61 -15.79
N SER A 24 -2.21 -24.36 -16.23
CA SER A 24 -2.60 -24.64 -17.60
C SER A 24 -1.98 -23.64 -18.57
N TYR A 25 -1.72 -22.43 -18.10
CA TYR A 25 -1.14 -21.41 -18.98
C TYR A 25 0.06 -20.67 -18.39
N LEU A 26 0.51 -21.09 -17.21
CA LEU A 26 1.66 -20.45 -16.58
C LEU A 26 2.82 -21.44 -16.42
N ASP A 27 4.03 -20.98 -16.76
CA ASP A 27 5.21 -21.83 -16.67
C ASP A 27 6.32 -21.23 -15.83
N ASN A 28 7.39 -22.01 -15.70
CA ASN A 28 8.59 -21.64 -14.96
C ASN A 28 8.38 -20.72 -13.76
N PHE A 29 7.64 -21.20 -12.77
CA PHE A 29 7.42 -20.41 -11.57
C PHE A 29 8.76 -20.34 -10.85
N ILE A 30 9.11 -19.16 -10.36
CA ILE A 30 10.37 -18.98 -9.65
C ILE A 30 10.15 -18.03 -8.48
N LYS A 31 10.34 -18.54 -7.27
CA LYS A 31 10.16 -17.72 -6.07
C LYS A 31 11.14 -16.54 -6.09
N ILE A 32 10.63 -15.37 -5.72
CA ILE A 32 11.45 -14.16 -5.70
C ILE A 32 11.40 -13.48 -4.33
N GLY A 33 10.47 -13.92 -3.50
CA GLY A 33 10.34 -13.34 -2.17
C GLY A 33 9.15 -13.90 -1.40
N GLU A 34 8.61 -13.08 -0.51
CA GLU A 34 7.45 -13.49 0.27
C GLU A 34 6.79 -12.31 0.96
N GLY A 35 5.61 -12.55 1.51
CA GLY A 35 4.87 -11.49 2.19
C GLY A 35 4.38 -11.85 3.57
N SER A 36 3.43 -11.05 4.05
CA SER A 36 2.85 -11.23 5.37
C SER A 36 2.20 -12.58 5.64
N THR A 37 1.90 -13.34 4.59
CA THR A 37 1.26 -14.63 4.79
C THR A 37 1.40 -15.61 3.63
N GLY A 38 2.47 -15.46 2.85
CA GLY A 38 2.68 -16.35 1.72
C GLY A 38 3.97 -16.01 0.98
N ILE A 39 4.03 -16.40 -0.29
CA ILE A 39 5.21 -16.13 -1.10
C ILE A 39 4.87 -15.47 -2.43
N VAL A 40 5.88 -14.89 -3.06
CA VAL A 40 5.72 -14.23 -4.35
C VAL A 40 6.64 -14.92 -5.34
N CYS A 41 6.13 -15.17 -6.54
CA CYS A 41 6.92 -15.82 -7.55
C CYS A 41 6.74 -15.08 -8.85
N ILE A 42 7.59 -15.38 -9.83
CA ILE A 42 7.47 -14.80 -11.15
C ILE A 42 7.16 -16.00 -12.02
N ALA A 43 6.36 -15.82 -13.05
CA ALA A 43 6.00 -16.90 -13.93
C ALA A 43 5.83 -16.37 -15.34
N THR A 44 5.67 -17.28 -16.29
CA THR A 44 5.52 -16.91 -17.68
C THR A 44 4.21 -17.42 -18.28
N VAL A 45 3.51 -16.54 -19.00
CA VAL A 45 2.27 -16.93 -19.64
C VAL A 45 2.67 -17.67 -20.92
N ARG A 46 2.26 -18.92 -21.02
CA ARG A 46 2.58 -19.78 -22.15
C ARG A 46 2.38 -19.18 -23.54
N SER A 47 1.13 -18.83 -23.86
CA SER A 47 0.79 -18.27 -25.16
C SER A 47 1.61 -17.08 -25.63
N SER A 48 1.91 -16.16 -24.71
CA SER A 48 2.66 -14.96 -25.08
C SER A 48 4.11 -14.91 -24.61
N GLY A 49 4.42 -15.62 -23.54
CA GLY A 49 5.78 -15.60 -23.02
C GLY A 49 5.92 -14.40 -22.11
N LYS A 50 4.79 -13.74 -21.86
CA LYS A 50 4.73 -12.57 -21.00
C LYS A 50 5.01 -12.96 -19.55
N LEU A 51 5.88 -12.21 -18.89
CA LEU A 51 6.24 -12.49 -17.51
C LEU A 51 5.27 -11.77 -16.57
N VAL A 52 4.82 -12.48 -15.53
CA VAL A 52 3.91 -11.92 -14.53
C VAL A 52 4.34 -12.37 -13.14
N ALA A 53 3.76 -11.74 -12.12
CA ALA A 53 4.08 -12.08 -10.73
C ALA A 53 2.90 -12.83 -10.13
N VAL A 54 3.20 -13.87 -9.36
CA VAL A 54 2.16 -14.66 -8.72
C VAL A 54 2.30 -14.64 -7.20
N LYS A 55 1.23 -14.24 -6.53
CA LYS A 55 1.22 -14.20 -5.07
C LYS A 55 0.49 -15.44 -4.57
N LYS A 56 1.23 -16.34 -3.93
CA LYS A 56 0.65 -17.57 -3.37
C LYS A 56 0.45 -17.38 -1.87
N MET A 57 -0.81 -17.37 -1.44
CA MET A 57 -1.14 -17.17 -0.03
C MET A 57 -1.63 -18.42 0.69
N ASP A 58 -1.08 -18.65 1.88
CA ASP A 58 -1.45 -19.80 2.70
C ASP A 58 -2.77 -19.49 3.41
N LEU A 59 -3.84 -20.14 2.98
CA LEU A 59 -5.16 -19.91 3.57
C LEU A 59 -5.26 -20.28 5.06
N ARG A 60 -4.36 -21.12 5.54
CA ARG A 60 -4.39 -21.52 6.95
C ARG A 60 -3.64 -20.54 7.84
N LYS A 61 -3.04 -19.53 7.23
CA LYS A 61 -2.29 -18.52 7.99
C LYS A 61 -2.96 -17.16 7.98
N GLN A 62 -4.18 -17.09 7.42
CA GLN A 62 -4.90 -15.83 7.37
C GLN A 62 -5.56 -15.50 8.71
N GLN A 63 -5.17 -14.38 9.30
CA GLN A 63 -5.74 -13.96 10.58
C GLN A 63 -7.22 -13.64 10.41
N ARG A 64 -7.51 -12.72 9.51
CA ARG A 64 -8.87 -12.33 9.21
C ARG A 64 -9.14 -12.68 7.76
N ARG A 65 -9.61 -13.91 7.53
CA ARG A 65 -9.87 -14.38 6.19
C ARG A 65 -10.96 -13.60 5.47
N GLU A 66 -11.69 -12.75 6.20
CA GLU A 66 -12.73 -11.94 5.58
C GLU A 66 -12.07 -10.87 4.72
N LEU A 67 -10.94 -10.35 5.20
CA LEU A 67 -10.19 -9.31 4.51
C LEU A 67 -9.61 -9.78 3.18
N LEU A 68 -9.22 -11.05 3.12
CA LEU A 68 -8.65 -11.60 1.88
C LEU A 68 -9.76 -11.60 0.83
N PHE A 69 -10.95 -11.99 1.25
CA PHE A 69 -12.11 -12.05 0.37
C PHE A 69 -12.42 -10.66 -0.18
N ASN A 70 -12.32 -9.66 0.68
CA ASN A 70 -12.58 -8.26 0.31
C ASN A 70 -11.58 -7.77 -0.73
N GLU A 71 -10.34 -8.23 -0.61
CA GLU A 71 -9.29 -7.83 -1.53
C GLU A 71 -9.56 -8.31 -2.94
N VAL A 72 -9.91 -9.58 -3.09
CA VAL A 72 -10.17 -10.15 -4.42
C VAL A 72 -11.44 -9.59 -5.05
N VAL A 73 -12.49 -9.45 -4.26
CA VAL A 73 -13.77 -8.93 -4.75
C VAL A 73 -13.71 -7.46 -5.18
N ILE A 74 -13.15 -6.62 -4.32
CA ILE A 74 -13.06 -5.20 -4.59
C ILE A 74 -12.03 -4.78 -5.65
N MET A 75 -10.87 -5.42 -5.63
CA MET A 75 -9.79 -5.05 -6.55
C MET A 75 -9.59 -5.88 -7.82
N ARG A 76 -10.28 -7.00 -7.94
CA ARG A 76 -10.11 -7.85 -9.11
C ARG A 76 -10.08 -7.10 -10.44
N ASP A 77 -11.12 -6.33 -10.73
CA ASP A 77 -11.17 -5.58 -11.99
C ASP A 77 -10.77 -4.11 -11.88
N TYR A 78 -10.20 -3.74 -10.75
CA TYR A 78 -9.80 -2.35 -10.56
C TYR A 78 -8.76 -1.93 -11.57
N GLN A 79 -8.95 -0.76 -12.16
CA GLN A 79 -8.02 -0.25 -13.15
C GLN A 79 -7.70 1.22 -12.94
N HIS A 80 -6.46 1.49 -12.56
CA HIS A 80 -6.00 2.86 -12.35
C HIS A 80 -4.50 2.85 -12.57
N GLU A 81 -4.01 3.88 -13.26
CA GLU A 81 -2.59 3.98 -13.59
C GLU A 81 -1.64 3.93 -12.41
N ASN A 82 -2.12 4.30 -11.23
CA ASN A 82 -1.27 4.29 -10.04
C ASN A 82 -1.64 3.16 -9.07
N VAL A 83 -2.33 2.15 -9.58
CA VAL A 83 -2.74 1.00 -8.78
C VAL A 83 -2.30 -0.29 -9.47
N VAL A 84 -1.57 -1.15 -8.76
CA VAL A 84 -1.10 -2.41 -9.34
C VAL A 84 -2.31 -3.21 -9.83
N GLU A 85 -2.20 -3.76 -11.02
CA GLU A 85 -3.31 -4.52 -11.60
C GLU A 85 -3.28 -6.01 -11.26
N MET A 86 -4.46 -6.57 -11.04
CA MET A 86 -4.62 -7.99 -10.76
C MET A 86 -5.20 -8.61 -12.02
N TYR A 87 -4.57 -9.65 -12.54
CA TYR A 87 -5.06 -10.32 -13.76
C TYR A 87 -6.06 -11.43 -13.48
N ASN A 88 -5.68 -12.35 -12.59
CA ASN A 88 -6.53 -13.48 -12.24
C ASN A 88 -6.26 -13.93 -10.82
N SER A 89 -7.14 -14.78 -10.32
CA SER A 89 -7.00 -15.35 -8.98
C SER A 89 -7.51 -16.79 -9.07
N TYR A 90 -6.88 -17.68 -8.32
CA TYR A 90 -7.25 -19.09 -8.32
C TYR A 90 -7.15 -19.68 -6.93
N LEU A 91 -7.99 -20.67 -6.67
CA LEU A 91 -7.97 -21.36 -5.39
C LEU A 91 -7.29 -22.69 -5.70
N VAL A 92 -6.08 -22.87 -5.17
CA VAL A 92 -5.34 -24.11 -5.41
C VAL A 92 -5.11 -24.82 -4.08
N GLY A 93 -5.99 -25.76 -3.74
CA GLY A 93 -5.85 -26.48 -2.49
C GLY A 93 -6.12 -25.56 -1.31
N ASP A 94 -5.12 -25.34 -0.47
CA ASP A 94 -5.26 -24.45 0.67
C ASP A 94 -4.50 -23.16 0.41
N GLU A 95 -4.38 -22.81 -0.87
CA GLU A 95 -3.68 -21.59 -1.22
C GLU A 95 -4.44 -20.75 -2.23
N LEU A 96 -4.37 -19.43 -2.04
CA LEU A 96 -4.98 -18.51 -2.97
C LEU A 96 -3.85 -17.99 -3.83
N TRP A 97 -3.97 -18.16 -5.14
CA TRP A 97 -2.97 -17.70 -6.08
C TRP A 97 -3.50 -16.48 -6.79
N VAL A 98 -2.79 -15.36 -6.70
CA VAL A 98 -3.21 -14.13 -7.36
C VAL A 98 -2.16 -13.75 -8.40
N VAL A 99 -2.55 -13.76 -9.67
CA VAL A 99 -1.66 -13.41 -10.75
C VAL A 99 -1.76 -11.90 -10.94
N MET A 100 -0.63 -11.21 -10.86
CA MET A 100 -0.61 -9.76 -11.00
C MET A 100 0.52 -9.28 -11.89
N GLU A 101 0.53 -8.00 -12.21
CA GLU A 101 1.58 -7.45 -13.05
C GLU A 101 2.91 -7.48 -12.30
N PHE A 102 3.98 -7.64 -13.05
CA PHE A 102 5.30 -7.66 -12.47
C PHE A 102 5.87 -6.24 -12.59
N LEU A 103 6.24 -5.66 -11.45
CA LEU A 103 6.82 -4.32 -11.42
C LEU A 103 8.31 -4.42 -11.13
N GLU A 104 9.11 -4.13 -12.14
CA GLU A 104 10.56 -4.22 -12.09
C GLU A 104 11.28 -3.32 -11.09
N GLY A 105 10.72 -2.15 -10.82
CA GLY A 105 11.36 -1.21 -9.91
C GLY A 105 11.40 -1.57 -8.43
N GLY A 106 10.68 -2.60 -8.02
CA GLY A 106 10.68 -2.99 -6.62
C GLY A 106 9.83 -2.09 -5.74
N ALA A 107 9.97 -2.24 -4.42
CA ALA A 107 9.21 -1.44 -3.46
C ALA A 107 9.99 -0.23 -2.96
N LEU A 108 9.25 0.78 -2.51
CA LEU A 108 9.84 2.01 -2.02
C LEU A 108 10.69 1.77 -0.76
N THR A 109 10.37 0.70 -0.02
CA THR A 109 11.11 0.37 1.18
C THR A 109 12.61 0.28 0.95
N ASP A 110 13.01 -0.46 -0.08
CA ASP A 110 14.42 -0.64 -0.41
C ASP A 110 15.12 0.67 -0.75
N ILE A 111 14.35 1.65 -1.20
CA ILE A 111 14.91 2.95 -1.55
C ILE A 111 15.10 3.82 -0.32
N VAL A 112 14.05 3.99 0.46
CA VAL A 112 14.13 4.83 1.65
C VAL A 112 15.15 4.32 2.66
N THR A 113 15.45 3.03 2.64
CA THR A 113 16.41 2.46 3.59
C THR A 113 17.86 2.44 3.09
N HIS A 114 18.08 2.81 1.83
CA HIS A 114 19.44 2.80 1.30
C HIS A 114 19.90 4.11 0.65
N THR A 115 19.00 5.08 0.53
CA THR A 115 19.37 6.34 -0.08
C THR A 115 18.42 7.46 0.30
N ARG A 116 18.84 8.70 0.06
CA ARG A 116 18.01 9.86 0.37
C ARG A 116 17.44 10.46 -0.91
N MET A 117 16.12 10.48 -1.00
CA MET A 117 15.43 11.02 -2.16
C MET A 117 15.41 12.55 -2.10
N ASN A 118 15.36 13.20 -3.26
CA ASN A 118 15.29 14.65 -3.27
C ASN A 118 13.80 14.98 -3.22
N GLU A 119 13.45 16.25 -3.11
CA GLU A 119 12.04 16.64 -3.03
C GLU A 119 11.24 16.41 -4.31
N GLU A 120 11.90 16.42 -5.46
CA GLU A 120 11.21 16.19 -6.71
C GLU A 120 10.74 14.73 -6.78
N GLN A 121 11.56 13.83 -6.25
CA GLN A 121 11.23 12.40 -6.24
C GLN A 121 10.15 12.10 -5.21
N ILE A 122 10.19 12.79 -4.07
CA ILE A 122 9.21 12.60 -3.03
C ILE A 122 7.84 13.10 -3.51
N ALA A 123 7.82 14.31 -4.08
CA ALA A 123 6.57 14.87 -4.59
C ALA A 123 5.97 13.92 -5.64
N ALA A 124 6.81 13.36 -6.51
CA ALA A 124 6.32 12.44 -7.53
C ALA A 124 5.63 11.22 -6.90
N VAL A 125 6.23 10.68 -5.83
CA VAL A 125 5.66 9.55 -5.15
C VAL A 125 4.34 9.96 -4.47
N CYS A 126 4.37 11.07 -3.74
CA CYS A 126 3.16 11.54 -3.07
C CYS A 126 2.03 11.79 -4.07
N LEU A 127 2.36 12.41 -5.20
CA LEU A 127 1.37 12.71 -6.21
C LEU A 127 0.69 11.44 -6.75
N ALA A 128 1.50 10.46 -7.10
CA ALA A 128 1.00 9.19 -7.62
C ALA A 128 0.06 8.53 -6.61
N VAL A 129 0.52 8.39 -5.37
CA VAL A 129 -0.28 7.77 -4.32
C VAL A 129 -1.57 8.56 -4.06
N LEU A 130 -1.48 9.89 -4.08
CA LEU A 130 -2.65 10.72 -3.85
C LEU A 130 -3.67 10.64 -5.00
N GLN A 131 -3.19 10.45 -6.22
CA GLN A 131 -4.12 10.35 -7.35
C GLN A 131 -4.92 9.05 -7.15
N ALA A 132 -4.23 7.98 -6.77
CA ALA A 132 -4.90 6.69 -6.54
C ALA A 132 -5.92 6.78 -5.41
N LEU A 133 -5.49 7.32 -4.26
CA LEU A 133 -6.36 7.46 -3.10
C LEU A 133 -7.58 8.34 -3.35
N SER A 134 -7.41 9.41 -4.11
CA SER A 134 -8.54 10.30 -4.39
C SER A 134 -9.65 9.55 -5.13
N VAL A 135 -9.27 8.70 -6.08
CA VAL A 135 -10.25 7.94 -6.83
C VAL A 135 -10.82 6.85 -5.94
N LEU A 136 -9.95 6.14 -5.23
CA LEU A 136 -10.36 5.09 -4.32
C LEU A 136 -11.31 5.60 -3.24
N HIS A 137 -10.90 6.66 -2.54
CA HIS A 137 -11.71 7.22 -1.48
C HIS A 137 -13.08 7.70 -1.96
N ALA A 138 -13.12 8.26 -3.16
CA ALA A 138 -14.38 8.74 -3.74
C ALA A 138 -15.34 7.57 -3.95
N GLN A 139 -14.79 6.37 -4.11
CA GLN A 139 -15.60 5.15 -4.31
C GLN A 139 -15.89 4.43 -2.99
N GLY A 140 -15.41 4.99 -1.87
CA GLY A 140 -15.64 4.37 -0.57
C GLY A 140 -14.60 3.32 -0.19
N VAL A 141 -13.55 3.19 -1.00
CA VAL A 141 -12.51 2.21 -0.71
C VAL A 141 -11.35 2.82 0.06
N ILE A 142 -11.02 2.19 1.19
CA ILE A 142 -9.93 2.63 2.04
C ILE A 142 -8.85 1.54 1.96
N HIS A 143 -7.60 1.94 1.75
CA HIS A 143 -6.52 0.96 1.64
C HIS A 143 -6.18 0.37 3.01
N ARG A 144 -5.93 1.24 3.97
CA ARG A 144 -5.62 0.86 5.35
C ARG A 144 -4.24 0.28 5.64
N ASP A 145 -3.36 0.24 4.64
CA ASP A 145 -2.01 -0.27 4.88
C ASP A 145 -0.97 0.48 4.04
N ILE A 146 -1.12 1.80 4.00
CA ILE A 146 -0.20 2.65 3.26
C ILE A 146 1.15 2.71 4.02
N LYS A 147 2.23 2.45 3.29
CA LYS A 147 3.59 2.46 3.82
C LYS A 147 4.51 2.18 2.63
N SER A 148 5.80 2.46 2.78
CA SER A 148 6.75 2.26 1.69
C SER A 148 6.68 0.87 1.05
N ASP A 149 6.47 -0.16 1.88
CA ASP A 149 6.39 -1.55 1.39
C ASP A 149 5.26 -1.77 0.40
N SER A 150 4.18 -1.02 0.57
CA SER A 150 3.00 -1.14 -0.29
C SER A 150 3.15 -0.42 -1.63
N ILE A 151 4.23 0.33 -1.80
CA ILE A 151 4.45 1.09 -3.02
C ILE A 151 5.46 0.41 -3.96
N LEU A 152 5.02 0.11 -5.17
CA LEU A 152 5.88 -0.54 -6.16
C LEU A 152 6.19 0.40 -7.33
N LEU A 153 7.28 0.12 -8.04
CA LEU A 153 7.70 0.94 -9.16
C LEU A 153 7.89 0.15 -10.46
N THR A 154 7.52 0.77 -11.58
CA THR A 154 7.71 0.12 -12.87
C THR A 154 9.16 0.40 -13.25
N HIS A 155 9.67 -0.31 -14.24
CA HIS A 155 11.05 -0.11 -14.66
C HIS A 155 11.33 1.33 -15.06
N ASP A 156 10.35 2.01 -15.63
CA ASP A 156 10.56 3.40 -16.05
C ASP A 156 10.22 4.47 -15.01
N GLY A 157 9.99 4.06 -13.77
CA GLY A 157 9.73 5.03 -12.72
C GLY A 157 8.31 5.40 -12.33
N ARG A 158 7.31 4.73 -12.89
CA ARG A 158 5.92 5.03 -12.53
C ARG A 158 5.63 4.42 -11.16
N VAL A 159 4.75 5.06 -10.40
CA VAL A 159 4.42 4.62 -9.05
C VAL A 159 3.04 3.95 -8.91
N LYS A 160 3.02 2.77 -8.32
CA LYS A 160 1.78 2.04 -8.14
C LYS A 160 1.53 1.55 -6.72
N LEU A 161 0.30 1.73 -6.27
CA LEU A 161 -0.12 1.31 -4.94
C LEU A 161 -0.56 -0.15 -4.99
N SER A 162 -0.03 -0.95 -4.06
CA SER A 162 -0.37 -2.36 -4.00
C SER A 162 -0.69 -2.77 -2.57
N ASP A 163 -0.82 -4.08 -2.36
CA ASP A 163 -1.13 -4.65 -1.06
C ASP A 163 -2.43 -4.14 -0.45
N PHE A 164 -3.54 -4.44 -1.12
CA PHE A 164 -4.86 -4.02 -0.64
C PHE A 164 -5.45 -5.08 0.30
N GLY A 165 -4.57 -5.90 0.88
CA GLY A 165 -5.01 -6.96 1.78
C GLY A 165 -5.80 -6.56 3.02
N PHE A 166 -5.68 -5.30 3.43
CA PHE A 166 -6.40 -4.81 4.61
C PHE A 166 -7.52 -3.83 4.25
N CYS A 167 -7.76 -3.64 2.96
CA CYS A 167 -8.78 -2.69 2.50
C CYS A 167 -10.21 -2.98 2.95
N ALA A 168 -10.99 -1.91 3.02
CA ALA A 168 -12.38 -2.02 3.42
C ALA A 168 -13.22 -1.08 2.56
N GLN A 169 -14.53 -1.28 2.61
CA GLN A 169 -15.45 -0.47 1.85
C GLN A 169 -16.41 0.27 2.78
N VAL A 170 -16.60 1.56 2.53
CA VAL A 170 -17.52 2.37 3.32
C VAL A 170 -18.57 2.94 2.37
N SER A 171 -19.69 3.38 2.92
CA SER A 171 -20.77 3.93 2.11
C SER A 171 -21.59 4.88 2.97
N LYS A 172 -22.68 5.37 2.40
CA LYS A 172 -23.57 6.27 3.13
C LYS A 172 -24.16 5.50 4.30
N GLU A 173 -24.55 4.25 4.03
CA GLU A 173 -25.15 3.38 5.04
C GLU A 173 -24.14 2.99 6.13
N VAL A 174 -22.91 2.69 5.72
CA VAL A 174 -21.84 2.31 6.65
C VAL A 174 -20.64 3.21 6.33
N PRO A 175 -20.67 4.46 6.82
CA PRO A 175 -19.62 5.45 6.61
C PRO A 175 -18.29 5.25 7.33
N ARG A 176 -18.25 4.40 8.36
CA ARG A 176 -17.01 4.19 9.10
C ARG A 176 -16.69 2.72 9.42
N ARG A 177 -15.41 2.46 9.65
CA ARG A 177 -14.94 1.13 10.02
C ARG A 177 -14.38 1.26 11.43
N LYS A 178 -14.16 0.13 12.11
CA LYS A 178 -13.63 0.17 13.48
C LYS A 178 -12.58 -0.92 13.70
N SEP A 179 -12.25 -1.67 12.65
CA SEP A 179 -11.28 -2.75 12.77
CB SEP A 179 -11.30 -3.59 11.53
OG SEP A 179 -12.60 -4.13 11.30
C SEP A 179 -9.87 -2.25 12.98
O SEP A 179 -9.45 -1.26 12.39
P SEP A 179 -13.27 -4.00 9.87
O1P SEP A 179 -14.65 -4.53 10.03
O2P SEP A 179 -12.37 -4.65 8.89
O3P SEP A 179 -13.32 -2.49 9.62
N LEU A 180 -9.14 -2.95 13.84
CA LEU A 180 -7.75 -2.62 14.10
C LEU A 180 -6.93 -3.34 13.03
N VAL A 181 -6.59 -2.61 11.97
CA VAL A 181 -5.82 -3.20 10.89
C VAL A 181 -4.73 -2.26 10.38
N GLY A 182 -3.77 -2.82 9.67
CA GLY A 182 -2.67 -2.02 9.15
C GLY A 182 -1.36 -2.46 9.75
N THR A 183 -0.38 -1.57 9.74
CA THR A 183 0.92 -1.87 10.31
C THR A 183 1.17 -0.86 11.41
N PRO A 184 1.43 -1.35 12.64
CA PRO A 184 1.68 -0.55 13.84
C PRO A 184 2.18 0.88 13.63
N TYR A 185 3.44 1.01 13.22
CA TYR A 185 4.08 2.30 13.03
C TYR A 185 3.35 3.27 12.09
N TRP A 186 2.52 2.75 11.21
CA TRP A 186 1.80 3.60 10.25
C TRP A 186 0.32 3.84 10.58
N MET A 187 -0.19 3.17 11.62
CA MET A 187 -1.58 3.31 12.01
C MET A 187 -1.98 4.71 12.51
N ALA A 188 -3.16 5.15 12.09
CA ALA A 188 -3.69 6.45 12.48
C ALA A 188 -4.12 6.38 13.95
N PRO A 189 -3.95 7.47 14.69
CA PRO A 189 -4.34 7.48 16.11
C PRO A 189 -5.81 7.13 16.39
N GLU A 190 -6.72 7.61 15.54
CA GLU A 190 -8.13 7.30 15.76
C GLU A 190 -8.39 5.81 15.53
N LEU A 191 -7.59 5.20 14.66
CA LEU A 191 -7.75 3.78 14.37
C LEU A 191 -7.23 2.95 15.55
N ILE A 192 -6.11 3.38 16.12
CA ILE A 192 -5.53 2.69 17.26
C ILE A 192 -6.47 2.81 18.44
N SER A 193 -7.12 3.97 18.57
CA SER A 193 -8.06 4.21 19.66
C SER A 193 -9.32 3.38 19.49
N ARG A 194 -9.46 2.76 18.33
CA ARG A 194 -10.64 1.94 18.03
C ARG A 194 -11.89 2.82 17.93
N LEU A 195 -11.72 3.99 17.33
CA LEU A 195 -12.84 4.90 17.14
C LEU A 195 -13.30 4.72 15.70
N PRO A 196 -14.59 4.94 15.42
CA PRO A 196 -15.08 4.77 14.05
C PRO A 196 -14.24 5.72 13.17
N TYR A 197 -13.66 5.18 12.09
CA TYR A 197 -12.82 6.00 11.23
C TYR A 197 -13.18 5.86 9.76
N GLY A 198 -12.62 6.76 8.95
CA GLY A 198 -12.88 6.73 7.51
C GLY A 198 -11.61 6.79 6.66
N PRO A 199 -11.75 7.14 5.37
CA PRO A 199 -10.61 7.23 4.44
C PRO A 199 -9.45 8.09 4.96
N GLU A 200 -9.73 8.98 5.91
CA GLU A 200 -8.71 9.85 6.48
C GLU A 200 -7.51 9.11 7.06
N VAL A 201 -7.71 7.86 7.47
CA VAL A 201 -6.61 7.09 8.05
C VAL A 201 -5.50 6.88 7.01
N ASP A 202 -5.87 6.80 5.74
CA ASP A 202 -4.86 6.61 4.69
C ASP A 202 -3.97 7.84 4.59
N ILE A 203 -4.57 9.02 4.81
CA ILE A 203 -3.83 10.26 4.74
C ILE A 203 -2.79 10.33 5.86
N TRP A 204 -3.15 9.84 7.04
CA TRP A 204 -2.19 9.85 8.14
C TRP A 204 -1.04 8.90 7.81
N SER A 205 -1.38 7.68 7.38
CA SER A 205 -0.35 6.70 7.03
C SER A 205 0.59 7.25 5.96
N LEU A 206 0.03 7.97 4.99
CA LEU A 206 0.83 8.57 3.93
C LEU A 206 1.84 9.53 4.56
N GLY A 207 1.38 10.29 5.55
CA GLY A 207 2.26 11.22 6.23
C GLY A 207 3.44 10.50 6.86
N ILE A 208 3.20 9.31 7.40
CA ILE A 208 4.25 8.51 8.00
C ILE A 208 5.21 8.07 6.91
N MET A 209 4.67 7.69 5.75
CA MET A 209 5.51 7.26 4.63
C MET A 209 6.40 8.43 4.18
N VAL A 210 5.88 9.66 4.28
CA VAL A 210 6.66 10.84 3.93
C VAL A 210 7.85 10.93 4.90
N ILE A 211 7.60 10.63 6.17
CA ILE A 211 8.68 10.64 7.15
C ILE A 211 9.71 9.58 6.75
N GLU A 212 9.23 8.45 6.22
CA GLU A 212 10.13 7.40 5.77
C GLU A 212 11.06 7.92 4.67
N MET A 213 10.47 8.63 3.70
CA MET A 213 11.25 9.17 2.59
C MET A 213 12.28 10.19 3.04
N VAL A 214 11.95 10.98 4.07
CA VAL A 214 12.87 11.98 4.57
C VAL A 214 13.90 11.44 5.57
N ASP A 215 13.44 10.63 6.53
CA ASP A 215 14.33 10.07 7.54
C ASP A 215 14.87 8.69 7.27
N GLY A 216 14.13 7.88 6.52
CA GLY A 216 14.56 6.53 6.24
C GLY A 216 13.81 5.50 7.06
N GLU A 217 13.01 5.99 8.01
CA GLU A 217 12.22 5.12 8.87
C GLU A 217 11.10 5.91 9.53
N PRO A 218 10.03 5.22 9.94
CA PRO A 218 8.91 5.90 10.58
C PRO A 218 9.24 6.25 12.03
N PRO A 219 8.39 7.06 12.67
CA PRO A 219 8.63 7.42 14.08
C PRO A 219 8.55 6.20 14.98
N TYR A 220 9.21 6.25 16.13
CA TYR A 220 9.20 5.17 17.10
C TYR A 220 9.59 3.82 16.51
N PHE A 221 10.34 3.83 15.42
CA PHE A 221 10.74 2.59 14.79
C PHE A 221 11.72 1.84 15.68
N ASN A 222 12.23 2.52 16.70
CA ASN A 222 13.16 1.93 17.65
C ASN A 222 12.41 1.35 18.84
N GLU A 223 11.09 1.37 18.77
CA GLU A 223 10.23 0.85 19.84
C GLU A 223 9.44 -0.37 19.35
N PRO A 224 9.06 -1.25 20.27
CA PRO A 224 8.29 -2.44 19.86
C PRO A 224 6.96 -1.95 19.25
N PRO A 225 6.37 -2.73 18.32
CA PRO A 225 5.11 -2.34 17.66
C PRO A 225 3.98 -1.89 18.58
N LEU A 226 3.66 -2.70 19.59
CA LEU A 226 2.58 -2.34 20.51
C LEU A 226 2.90 -1.07 21.30
N LYS A 227 4.18 -0.83 21.57
CA LYS A 227 4.60 0.35 22.31
C LYS A 227 4.49 1.58 21.42
N ALA A 228 4.93 1.45 20.16
CA ALA A 228 4.83 2.55 19.22
C ALA A 228 3.35 2.92 19.06
N MET A 229 2.50 1.92 18.93
CA MET A 229 1.06 2.15 18.77
C MET A 229 0.50 3.00 19.90
N LYS A 230 0.94 2.71 21.13
CA LYS A 230 0.49 3.46 22.30
C LYS A 230 0.97 4.90 22.24
N MET A 231 2.22 5.09 21.80
CA MET A 231 2.79 6.43 21.69
C MET A 231 2.07 7.23 20.61
N ILE A 232 1.79 6.58 19.49
CA ILE A 232 1.11 7.25 18.37
C ILE A 232 -0.28 7.70 18.82
N ARG A 233 -0.99 6.83 19.52
CA ARG A 233 -2.33 7.11 20.00
C ARG A 233 -2.39 8.20 21.07
N ASP A 234 -1.38 8.25 21.94
CA ASP A 234 -1.38 9.22 23.04
C ASP A 234 -0.52 10.47 22.94
N ASN A 235 0.54 10.43 22.14
CA ASN A 235 1.42 11.59 22.03
C ASN A 235 1.06 12.55 20.91
N LEU A 236 1.69 13.72 20.92
CA LEU A 236 1.48 14.72 19.87
C LEU A 236 2.04 14.11 18.58
N PRO A 237 1.58 14.61 17.42
CA PRO A 237 2.09 14.05 16.16
C PRO A 237 3.61 13.89 16.12
N PRO A 238 4.08 12.88 15.38
CA PRO A 238 5.53 12.60 15.25
C PRO A 238 6.29 13.73 14.56
N ARG A 239 7.59 13.78 14.80
CA ARG A 239 8.44 14.80 14.20
C ARG A 239 9.53 14.19 13.36
N LEU A 240 10.03 14.96 12.40
CA LEU A 240 11.09 14.51 11.49
C LEU A 240 12.46 14.68 12.13
N LYS A 241 13.31 13.67 11.98
CA LYS A 241 14.66 13.74 12.51
C LYS A 241 15.44 14.73 11.66
N ASN A 242 15.33 14.58 10.34
CA ASN A 242 16.00 15.46 9.38
C ASN A 242 15.11 16.65 9.04
N LEU A 243 14.54 17.25 10.08
CA LEU A 243 13.63 18.39 9.92
C LEU A 243 14.18 19.54 9.08
N HIS A 244 15.38 20.01 9.40
CA HIS A 244 15.97 21.13 8.67
C HIS A 244 16.47 20.83 7.27
N LYS A 245 16.45 19.57 6.87
CA LYS A 245 16.90 19.22 5.53
C LYS A 245 15.76 19.31 4.52
N VAL A 246 14.53 19.55 5.00
CA VAL A 246 13.38 19.66 4.10
C VAL A 246 12.91 21.11 3.95
N SER A 247 12.27 21.39 2.82
CA SER A 247 11.78 22.73 2.52
C SER A 247 10.49 23.07 3.25
N PRO A 248 10.17 24.38 3.33
CA PRO A 248 8.96 24.88 3.99
C PRO A 248 7.71 24.30 3.32
N SER A 249 7.80 24.06 2.02
CA SER A 249 6.71 23.50 1.25
C SER A 249 6.44 22.05 1.66
N LEU A 250 7.50 21.28 1.85
CA LEU A 250 7.33 19.89 2.26
C LEU A 250 6.83 19.84 3.69
N LYS A 251 7.32 20.75 4.54
CA LYS A 251 6.90 20.80 5.94
C LYS A 251 5.42 21.19 6.01
N GLY A 252 5.01 22.12 5.16
CA GLY A 252 3.62 22.55 5.14
C GLY A 252 2.73 21.40 4.71
N PHE A 253 3.19 20.70 3.68
CA PHE A 253 2.49 19.54 3.16
C PHE A 253 2.31 18.53 4.28
N LEU A 254 3.43 18.14 4.90
CA LEU A 254 3.43 17.17 5.98
C LEU A 254 2.51 17.55 7.14
N ASP A 255 2.45 18.84 7.47
CA ASP A 255 1.60 19.31 8.56
C ASP A 255 0.12 19.07 8.27
N ARG A 256 -0.24 18.99 6.99
CA ARG A 256 -1.64 18.76 6.62
C ARG A 256 -1.97 17.26 6.64
N LEU A 257 -0.94 16.42 6.72
CA LEU A 257 -1.10 14.97 6.75
C LEU A 257 -1.17 14.44 8.18
N LEU A 258 -0.23 14.85 9.01
CA LEU A 258 -0.16 14.37 10.39
C LEU A 258 -0.99 15.19 11.39
N VAL A 259 -2.30 15.23 11.15
CA VAL A 259 -3.22 15.95 12.01
C VAL A 259 -3.93 14.86 12.82
N ARG A 260 -3.78 14.93 14.14
CA ARG A 260 -4.40 13.94 15.04
C ARG A 260 -5.91 13.85 14.87
N ASP A 261 -6.57 15.00 14.80
CA ASP A 261 -8.02 15.02 14.64
C ASP A 261 -8.34 14.85 13.15
N PRO A 262 -8.87 13.66 12.78
CA PRO A 262 -9.21 13.34 11.39
C PRO A 262 -10.13 14.34 10.70
N ALA A 263 -10.95 15.04 11.48
CA ALA A 263 -11.86 16.04 10.93
C ALA A 263 -11.08 17.23 10.40
N GLN A 264 -9.91 17.49 11.00
CA GLN A 264 -9.06 18.61 10.60
C GLN A 264 -7.97 18.20 9.59
N ARG A 265 -7.81 16.90 9.38
CA ARG A 265 -6.81 16.39 8.47
C ARG A 265 -7.21 16.64 7.02
N ALA A 266 -6.23 16.94 6.17
CA ALA A 266 -6.49 17.20 4.76
C ALA A 266 -6.96 15.91 4.08
N THR A 267 -7.69 16.05 2.97
CA THR A 267 -8.16 14.88 2.24
C THR A 267 -7.27 14.72 1.01
N ALA A 268 -7.34 13.56 0.38
CA ALA A 268 -6.54 13.32 -0.83
C ALA A 268 -6.80 14.39 -1.88
N ALA A 269 -8.07 14.71 -2.09
CA ALA A 269 -8.44 15.73 -3.09
C ALA A 269 -7.79 17.07 -2.79
N GLU A 270 -7.84 17.49 -1.53
CA GLU A 270 -7.25 18.76 -1.14
C GLU A 270 -5.73 18.76 -1.32
N LEU A 271 -5.09 17.65 -0.95
CA LEU A 271 -3.65 17.51 -1.05
C LEU A 271 -3.12 17.56 -2.47
N LEU A 272 -3.94 17.13 -3.43
CA LEU A 272 -3.55 17.14 -4.84
C LEU A 272 -3.31 18.57 -5.35
N LYS A 273 -3.84 19.56 -4.64
CA LYS A 273 -3.67 20.94 -5.06
C LYS A 273 -2.64 21.68 -4.20
N HIS A 274 -1.89 20.94 -3.39
CA HIS A 274 -0.89 21.56 -2.54
C HIS A 274 0.38 21.88 -3.33
N PRO A 275 0.90 23.11 -3.16
CA PRO A 275 2.11 23.59 -3.84
C PRO A 275 3.28 22.61 -3.87
N PHE A 276 3.44 21.82 -2.82
CA PHE A 276 4.54 20.85 -2.77
C PHE A 276 4.54 19.87 -3.95
N LEU A 277 3.37 19.37 -4.33
CA LEU A 277 3.30 18.40 -5.43
C LEU A 277 3.68 18.98 -6.78
N ALA A 278 3.72 20.31 -6.87
CA ALA A 278 4.09 20.97 -8.11
C ALA A 278 5.57 20.74 -8.42
N LYS A 279 6.33 20.27 -7.43
CA LYS A 279 7.77 20.00 -7.59
C LYS A 279 8.04 18.61 -8.18
N ALA A 280 7.02 17.77 -8.20
CA ALA A 280 7.13 16.41 -8.71
C ALA A 280 7.88 16.27 -10.03
N GLY A 281 8.88 15.39 -10.04
CA GLY A 281 9.62 15.17 -11.26
C GLY A 281 8.94 14.10 -12.10
N PRO A 282 9.37 13.90 -13.35
CA PRO A 282 8.73 12.88 -14.19
C PRO A 282 9.19 11.49 -13.75
N PRO A 283 8.57 10.43 -14.29
CA PRO A 283 8.94 9.06 -13.93
C PRO A 283 10.44 8.79 -14.03
N ALA A 284 11.09 9.39 -15.02
CA ALA A 284 12.52 9.20 -15.24
C ALA A 284 13.38 9.63 -14.04
N SER A 285 12.82 10.46 -13.16
CA SER A 285 13.58 10.91 -12.00
C SER A 285 13.61 9.85 -10.90
N ILE A 286 12.68 8.90 -10.97
CA ILE A 286 12.59 7.83 -10.00
C ILE A 286 13.56 6.68 -10.32
N VAL A 287 13.81 6.47 -11.60
CA VAL A 287 14.71 5.40 -12.05
C VAL A 287 16.04 5.32 -11.29
N PRO A 288 16.77 6.43 -11.16
CA PRO A 288 18.06 6.42 -10.44
C PRO A 288 18.00 5.83 -9.04
N LEU A 289 16.82 5.82 -8.44
CA LEU A 289 16.62 5.32 -7.09
C LEU A 289 16.61 3.80 -6.95
N MET A 290 16.21 3.12 -8.02
CA MET A 290 16.15 1.67 -8.02
C MET A 290 17.50 1.04 -7.74
N ARG A 291 17.48 -0.03 -6.93
CA ARG A 291 18.69 -0.74 -6.55
C ARG A 291 19.57 -1.09 -7.75
N GLN A 292 18.95 -1.60 -8.81
CA GLN A 292 19.70 -1.97 -10.00
C GLN A 292 20.39 -0.77 -10.67
N ASN A 293 20.00 0.44 -10.29
CA ASN A 293 20.60 1.64 -10.88
C ASN A 293 21.26 2.57 -9.87
N ARG A 294 21.35 2.15 -8.61
CA ARG A 294 21.96 3.00 -7.57
C ARG A 294 23.45 2.83 -7.38
N THR A 295 24.11 3.94 -7.07
CA THR A 295 25.54 3.97 -6.81
C THR A 295 25.78 4.82 -5.57
N ARG A 296 25.17 4.51 -4.53
C1 N53 B . 14.25 -6.23 -4.16
C2 N53 B . 14.82 -5.32 -3.21
C3 N53 B . 16.15 -5.53 -2.73
C4 N53 B . 16.90 -6.64 -3.23
C5 N53 B . 16.35 -7.54 -4.19
C6 N53 B . 15.02 -7.33 -4.66
C7 N53 B . 10.07 -6.63 -6.89
C8 N53 B . 10.84 -6.55 -5.69
C9 N53 B . 12.21 -6.13 -5.75
C10 N53 B . 12.80 -5.80 -7.01
C11 N53 B . 12.04 -5.90 -8.21
C12 N53 B . 10.67 -6.32 -8.14
C13 N53 B . 2.87 -10.85 -0.85
C14 N53 B . 1.91 -10.28 0.06
C15 N53 B . 1.19 -11.12 0.96
C16 N53 B . 1.43 -12.53 0.94
C17 N53 B . 2.40 -13.10 0.05
C18 N53 B . 3.12 -12.26 -0.85
N19 N53 B . 4.24 -7.84 -2.82
C20 N53 B . 3.73 -8.53 -1.62
C21 N53 B . 4.65 -8.16 -0.40
N22 N53 B . 4.57 -6.70 -0.20
C23 N53 B . 5.07 -5.99 -1.42
C24 N53 B . 4.19 -6.37 -2.62
C25 N53 B . 4.44 -7.73 -7.48
C26 N53 B . 5.54 -7.67 -5.43
N27 N53 B . 4.08 -7.99 -5.26
C28 N53 B . 3.33 -8.15 -6.54
N29 N53 B . 4.44 -7.52 -8.80
N30 N53 B . 5.75 -7.14 -9.13
C31 N53 B . 6.49 -7.14 -8.00
C32 N53 B . 2.85 -9.60 -6.77
C33 N53 B . 2.16 -7.16 -6.72
C34 N53 B . 3.47 -8.10 -4.05
O35 N53 B . 2.28 -8.43 -3.98
C36 N53 B . 5.26 -6.28 1.04
C37 N53 B . 3.55 -10.04 -1.89
N38 N53 B . 7.93 -6.78 -7.91
C39 N53 B . 8.67 -7.04 -6.82
O40 N53 B . 8.18 -7.62 -5.85
O41 N53 B . 12.85 -5.98 -4.44
C42 N53 B . 5.67 -7.51 -6.90
C1 GOL C . 1.32 -6.56 5.15
O1 GOL C . 1.23 -5.36 5.92
C2 GOL C . 1.96 -6.24 3.80
O2 GOL C . 3.30 -5.74 4.05
C3 GOL C . 2.04 -7.50 2.89
O3 GOL C . 3.02 -8.44 3.36
#